data_9RS5
#
_entry.id   9RS5
#
_cell.length_a   95.530
_cell.length_b   95.530
_cell.length_c   114.400
_cell.angle_alpha   90.00
_cell.angle_beta   90.00
_cell.angle_gamma   90.00
#
_symmetry.space_group_name_H-M   'P 41 21 2'
#
loop_
_entity.id
_entity.type
_entity.pdbx_description
1 polymer 'Terpene synthase'
2 non-polymer GLYCEROL
3 water water
#
_entity_poly.entity_id   1
_entity_poly.type   'polypeptide(L)'
_entity_poly.pdbx_seq_one_letter_code
;STSSAIELLPFHCPFAAAVNPRLAEIEKLCVDWIDEFRLYQDDAQRERLIATKAAEVYARALPNAAPERVADVAKWLYWG
FATDDMVYDNGPVSVRAADFLPLIVQLARIADEPRSRFGFEIPYTDALRDLTVAITAPATPGQRIEWRSTARAWFFGMSW
DVAYAERGEIPSLNDYLMMRMHTGGLASWAATLGIADGFELSARDADSPAVRALLESWSTFALIINDLMSYAKEIENKDT
SSNIITVIARELSCSPQEAVPHAYSILDRISGLFLRLRADLLPGADQNLRALIAGMEHTWRAYLDWGFTSARYTRRDPGS
EPYQVFPGWAEQPHDTSPDPLPYPAIAWWWEQVAGS
;
_entity_poly.pdbx_strand_id   A
#
loop_
_chem_comp.id
_chem_comp.type
_chem_comp.name
_chem_comp.formula
GOL non-polymer GLYCEROL 'C3 H8 O3'
#
# COMPACT_ATOMS: atom_id res chain seq x y z
N SER A 4 -21.12 10.98 -4.73
CA SER A 4 -21.30 12.39 -4.30
C SER A 4 -19.97 12.95 -3.77
N ALA A 5 -19.61 14.16 -4.20
CA ALA A 5 -18.31 14.84 -3.92
C ALA A 5 -18.19 15.15 -2.43
N ILE A 6 -16.97 15.08 -1.88
CA ILE A 6 -16.66 15.33 -0.45
C ILE A 6 -15.58 16.41 -0.34
N GLU A 7 -15.46 17.02 0.85
CA GLU A 7 -14.41 17.99 1.23
C GLU A 7 -13.50 17.30 2.27
N LEU A 8 -12.25 17.04 1.91
CA LEU A 8 -11.25 16.40 2.82
C LEU A 8 -10.91 17.38 3.95
N LEU A 9 -10.57 16.83 5.12
CA LEU A 9 -10.06 17.57 6.29
C LEU A 9 -8.54 17.58 6.25
N PRO A 10 -7.87 18.54 6.92
CA PRO A 10 -6.41 18.56 6.98
C PRO A 10 -5.89 17.27 7.64
N PHE A 11 -4.68 16.84 7.28
CA PHE A 11 -4.02 15.61 7.80
C PHE A 11 -3.06 15.99 8.92
N HIS A 12 -2.99 15.13 9.92
CA HIS A 12 -2.02 15.26 11.00
C HIS A 12 -0.90 14.22 10.78
N CYS A 13 0.33 14.66 10.88
CA CYS A 13 1.52 13.77 10.79
C CYS A 13 2.68 14.39 11.57
N PRO A 14 3.15 13.74 12.66
CA PRO A 14 4.20 14.31 13.50
C PRO A 14 5.64 14.10 12.97
N PHE A 15 5.79 13.56 11.76
CA PHE A 15 7.11 13.23 11.15
C PHE A 15 7.39 14.18 9.97
N ALA A 16 8.66 14.54 9.81
CA ALA A 16 9.15 15.46 8.76
C ALA A 16 9.19 14.72 7.42
N ALA A 17 9.04 15.47 6.32
CA ALA A 17 9.26 14.99 4.94
C ALA A 17 10.70 14.48 4.83
N ALA A 18 10.91 13.45 4.01
CA ALA A 18 12.23 12.88 3.71
C ALA A 18 12.20 12.33 2.28
N VAL A 19 13.31 12.48 1.55
CA VAL A 19 13.43 11.92 0.17
C VAL A 19 14.89 11.55 -0.08
N ASN A 20 15.10 10.41 -0.75
CA ASN A 20 16.43 9.97 -1.20
C ASN A 20 17.06 11.08 -2.03
N PRO A 21 18.27 11.55 -1.68
CA PRO A 21 18.89 12.67 -2.40
C PRO A 21 19.35 12.31 -3.82
N ARG A 22 19.25 11.04 -4.22
CA ARG A 22 19.61 10.56 -5.58
C ARG A 22 18.34 10.11 -6.33
N LEU A 23 17.20 10.78 -6.08
CA LEU A 23 15.90 10.45 -6.72
C LEU A 23 16.05 10.49 -8.24
N ALA A 24 16.73 11.50 -8.80
CA ALA A 24 16.91 11.67 -10.26
C ALA A 24 17.47 10.37 -10.87
N GLU A 25 18.50 9.79 -10.23
CA GLU A 25 19.14 8.52 -10.69
C GLU A 25 18.16 7.35 -10.54
N ILE A 26 17.40 7.31 -9.45
CA ILE A 26 16.39 6.24 -9.18
C ILE A 26 15.35 6.27 -10.30
N GLU A 27 14.81 7.46 -10.59
N GLU A 27 14.81 7.44 -10.60
CA GLU A 27 13.77 7.71 -11.62
CA GLU A 27 13.74 7.57 -11.63
C GLU A 27 14.30 7.28 -12.99
C GLU A 27 14.31 7.20 -13.01
N LYS A 28 15.55 7.61 -13.33
CA LYS A 28 16.17 7.27 -14.64
C LYS A 28 16.27 5.76 -14.78
N LEU A 29 16.74 5.05 -13.76
CA LEU A 29 16.85 3.56 -13.76
C LEU A 29 15.46 2.96 -14.04
N CYS A 30 14.42 3.51 -13.41
CA CYS A 30 13.03 3.01 -13.52
C CYS A 30 12.46 3.29 -14.92
N VAL A 31 12.69 4.50 -15.46
CA VAL A 31 12.19 4.88 -16.81
C VAL A 31 12.86 3.98 -17.85
N ASP A 32 14.17 3.74 -17.73
CA ASP A 32 14.94 2.87 -18.65
C ASP A 32 14.39 1.44 -18.59
N TRP A 33 14.02 0.97 -17.39
CA TRP A 33 13.41 -0.37 -17.17
C TRP A 33 12.01 -0.40 -17.81
N ILE A 34 11.20 0.64 -17.61
CA ILE A 34 9.84 0.79 -18.21
C ILE A 34 9.94 0.67 -19.74
N ASP A 35 10.96 1.27 -20.35
CA ASP A 35 11.17 1.26 -21.82
C ASP A 35 11.74 -0.10 -22.25
N GLU A 36 12.63 -0.70 -21.45
CA GLU A 36 13.25 -2.03 -21.73
C GLU A 36 12.13 -3.08 -21.89
N PHE A 37 11.12 -3.05 -21.02
CA PHE A 37 10.02 -4.05 -20.98
C PHE A 37 8.72 -3.49 -21.59
N ARG A 38 8.77 -2.27 -22.12
CA ARG A 38 7.63 -1.58 -22.79
C ARG A 38 6.35 -1.82 -21.98
N LEU A 39 6.32 -1.31 -20.75
N LEU A 39 6.31 -1.29 -20.76
CA LEU A 39 5.16 -1.43 -19.81
CA LEU A 39 5.16 -1.41 -19.81
C LEU A 39 4.05 -0.45 -20.23
C LEU A 39 4.04 -0.46 -20.23
N TYR A 40 3.68 -0.46 -21.52
CA TYR A 40 2.69 0.47 -22.11
C TYR A 40 2.38 0.03 -23.54
N GLN A 41 1.18 0.34 -24.03
CA GLN A 41 0.69 0.00 -25.39
C GLN A 41 0.86 1.19 -26.33
N ASP A 42 1.12 2.39 -25.81
CA ASP A 42 1.27 3.64 -26.60
C ASP A 42 2.02 4.70 -25.78
N ASP A 43 2.37 5.82 -26.41
CA ASP A 43 3.15 6.93 -25.81
C ASP A 43 2.35 7.57 -24.66
N ALA A 44 1.03 7.69 -24.81
CA ALA A 44 0.13 8.27 -23.79
C ALA A 44 0.16 7.42 -22.51
N GLN A 45 0.11 6.10 -22.64
CA GLN A 45 0.20 5.14 -21.50
C GLN A 45 1.57 5.27 -20.82
N ARG A 46 2.64 5.40 -21.61
CA ARG A 46 4.03 5.57 -21.11
C ARG A 46 4.09 6.82 -20.22
N GLU A 47 3.56 7.95 -20.70
CA GLU A 47 3.56 9.25 -19.97
C GLU A 47 2.78 9.08 -18.65
N ARG A 48 1.61 8.44 -18.70
CA ARG A 48 0.74 8.23 -17.51
C ARG A 48 1.49 7.37 -16.48
N LEU A 49 2.18 6.31 -16.91
CA LEU A 49 2.93 5.40 -16.00
C LEU A 49 4.06 6.18 -15.31
N ILE A 50 4.84 6.95 -16.08
CA ILE A 50 5.95 7.78 -15.53
C ILE A 50 5.35 8.79 -14.54
N ALA A 51 4.19 9.36 -14.86
CA ALA A 51 3.51 10.41 -14.06
C ALA A 51 3.00 9.85 -12.72
N THR A 52 2.90 8.52 -12.55
CA THR A 52 2.55 7.89 -11.25
C THR A 52 3.64 8.21 -10.21
N LYS A 53 4.87 8.44 -10.68
CA LYS A 53 6.05 8.77 -9.84
C LYS A 53 6.23 7.69 -8.75
N ALA A 54 6.17 6.42 -9.14
CA ALA A 54 6.37 5.25 -8.24
C ALA A 54 7.77 5.31 -7.61
N ALA A 55 8.77 5.77 -8.36
CA ALA A 55 10.16 5.92 -7.86
C ALA A 55 10.17 6.92 -6.68
N GLU A 56 9.45 8.03 -6.81
CA GLU A 56 9.42 9.11 -5.78
C GLU A 56 8.83 8.57 -4.47
N VAL A 57 7.70 7.87 -4.51
CA VAL A 57 7.03 7.42 -3.26
C VAL A 57 7.97 6.44 -2.54
N TYR A 58 8.65 5.54 -3.25
CA TYR A 58 9.64 4.61 -2.65
C TYR A 58 10.85 5.40 -2.12
N ALA A 59 11.32 6.40 -2.87
CA ALA A 59 12.47 7.25 -2.50
C ALA A 59 12.14 8.05 -1.23
N ARG A 60 10.88 8.40 -1.01
CA ARG A 60 10.41 9.12 0.21
C ARG A 60 10.34 8.14 1.38
N ALA A 61 10.02 6.86 1.13
CA ALA A 61 9.96 5.79 2.15
C ALA A 61 11.38 5.31 2.50
N LEU A 62 12.33 5.47 1.57
CA LEU A 62 13.71 4.93 1.66
C LEU A 62 14.72 6.04 1.41
N PRO A 63 14.75 7.09 2.25
CA PRO A 63 15.62 8.24 2.02
C PRO A 63 17.13 7.94 2.17
N ASN A 64 17.47 6.83 2.82
CA ASN A 64 18.88 6.47 3.12
C ASN A 64 19.35 5.21 2.41
N ALA A 65 18.50 4.59 1.60
CA ALA A 65 18.81 3.32 0.91
C ALA A 65 19.63 3.60 -0.36
N ALA A 66 20.39 2.60 -0.82
CA ALA A 66 21.13 2.64 -2.10
C ALA A 66 20.14 2.87 -3.23
N PRO A 67 20.35 3.87 -4.12
CA PRO A 67 19.37 4.21 -5.16
C PRO A 67 19.07 3.04 -6.11
N GLU A 68 20.07 2.20 -6.41
CA GLU A 68 19.90 1.00 -7.29
C GLU A 68 18.83 0.08 -6.68
N ARG A 69 18.81 -0.07 -5.35
CA ARG A 69 17.88 -0.98 -4.65
C ARG A 69 16.51 -0.31 -4.52
N VAL A 70 16.45 1.01 -4.32
CA VAL A 70 15.17 1.77 -4.34
C VAL A 70 14.53 1.59 -5.73
N ALA A 71 15.34 1.70 -6.79
CA ALA A 71 14.88 1.54 -8.19
C ALA A 71 14.32 0.12 -8.37
N ASP A 72 15.03 -0.90 -7.88
CA ASP A 72 14.62 -2.32 -8.01
C ASP A 72 13.23 -2.52 -7.41
N VAL A 73 12.98 -2.04 -6.19
CA VAL A 73 11.67 -2.26 -5.52
C VAL A 73 10.59 -1.38 -6.18
N ALA A 74 10.95 -0.19 -6.68
CA ALA A 74 10.00 0.69 -7.39
C ALA A 74 9.40 -0.02 -8.61
N LYS A 75 10.17 -0.92 -9.26
CA LYS A 75 9.71 -1.69 -10.45
C LYS A 75 8.44 -2.49 -10.10
N TRP A 76 8.36 -3.01 -8.87
CA TRP A 76 7.18 -3.74 -8.32
C TRP A 76 5.93 -2.84 -8.41
N LEU A 77 6.07 -1.57 -8.05
CA LEU A 77 4.93 -0.61 -8.03
C LEU A 77 4.60 -0.15 -9.46
N TYR A 78 5.60 0.14 -10.30
CA TYR A 78 5.38 0.49 -11.72
C TYR A 78 4.66 -0.66 -12.42
N TRP A 79 5.12 -1.91 -12.19
CA TRP A 79 4.46 -3.12 -12.75
C TRP A 79 3.01 -3.19 -12.25
N GLY A 80 2.80 -2.97 -10.95
CA GLY A 80 1.48 -2.94 -10.32
C GLY A 80 0.55 -1.95 -10.99
N PHE A 81 1.01 -0.72 -11.22
CA PHE A 81 0.22 0.37 -11.85
C PHE A 81 -0.10 0.00 -13.30
N ALA A 82 0.90 -0.46 -14.06
CA ALA A 82 0.75 -0.84 -15.49
C ALA A 82 -0.28 -1.97 -15.62
N THR A 83 -0.19 -2.99 -14.76
CA THR A 83 -1.05 -4.20 -14.79
C THR A 83 -2.46 -3.85 -14.28
N ASP A 84 -2.56 -2.96 -13.29
CA ASP A 84 -3.85 -2.46 -12.73
C ASP A 84 -4.62 -1.71 -13.83
N ASP A 85 -3.94 -0.79 -14.53
CA ASP A 85 -4.51 0.08 -15.59
C ASP A 85 -4.93 -0.76 -16.82
N MET A 86 -4.51 -2.02 -16.88
CA MET A 86 -4.82 -2.97 -17.97
C MET A 86 -5.97 -3.91 -17.55
N VAL A 87 -5.80 -4.63 -16.45
CA VAL A 87 -6.65 -5.78 -16.03
C VAL A 87 -8.07 -5.29 -15.69
N TYR A 88 -8.21 -4.13 -15.03
CA TYR A 88 -9.50 -3.59 -14.54
C TYR A 88 -10.18 -2.73 -15.62
N ASP A 89 -9.46 -2.43 -16.69
CA ASP A 89 -10.06 -1.73 -17.86
C ASP A 89 -10.18 -2.80 -18.93
N ASN A 90 -11.08 -3.75 -18.72
CA ASN A 90 -11.11 -4.88 -19.66
C ASN A 90 -12.54 -5.18 -20.12
N GLY A 91 -13.35 -4.15 -20.12
CA GLY A 91 -14.75 -4.21 -20.59
C GLY A 91 -15.73 -3.51 -19.66
N PRO A 92 -16.95 -3.17 -20.14
CA PRO A 92 -18.00 -2.63 -19.28
C PRO A 92 -18.34 -3.53 -18.08
N VAL A 93 -18.33 -4.84 -18.32
CA VAL A 93 -18.72 -5.88 -17.32
C VAL A 93 -17.68 -6.03 -16.21
N SER A 94 -18.11 -6.16 -14.97
CA SER A 94 -17.12 -6.29 -13.86
C SER A 94 -16.36 -7.60 -14.04
N VAL A 95 -15.07 -7.60 -13.68
CA VAL A 95 -14.26 -8.85 -13.73
C VAL A 95 -14.92 -9.85 -12.76
N ARG A 96 -15.08 -11.09 -13.17
CA ARG A 96 -15.71 -12.16 -12.37
C ARG A 96 -14.61 -12.80 -11.50
N ALA A 97 -14.85 -13.04 -10.22
CA ALA A 97 -13.83 -13.69 -9.36
C ALA A 97 -13.34 -15.01 -9.96
N ALA A 98 -14.22 -15.78 -10.59
CA ALA A 98 -13.90 -17.11 -11.13
C ALA A 98 -12.96 -17.00 -12.34
N ASP A 99 -12.95 -15.85 -13.02
CA ASP A 99 -12.01 -15.55 -14.14
C ASP A 99 -10.71 -14.96 -13.60
N PHE A 100 -10.79 -14.13 -12.56
CA PHE A 100 -9.64 -13.42 -11.95
C PHE A 100 -8.72 -14.42 -11.24
N LEU A 101 -9.29 -15.36 -10.49
CA LEU A 101 -8.52 -16.23 -9.55
C LEU A 101 -7.48 -17.05 -10.32
N PRO A 102 -7.82 -17.77 -11.42
CA PRO A 102 -6.80 -18.54 -12.14
C PRO A 102 -5.62 -17.70 -12.67
N LEU A 103 -5.85 -16.46 -13.08
CA LEU A 103 -4.77 -15.54 -13.52
C LEU A 103 -3.95 -15.10 -12.30
N ILE A 104 -4.61 -14.70 -11.21
CA ILE A 104 -3.90 -14.03 -10.08
C ILE A 104 -3.01 -15.05 -9.36
N VAL A 105 -3.39 -16.33 -9.31
CA VAL A 105 -2.53 -17.38 -8.67
C VAL A 105 -1.29 -17.63 -9.55
N GLN A 106 -1.40 -17.41 -10.86
CA GLN A 106 -0.23 -17.54 -11.78
C GLN A 106 0.76 -16.41 -11.49
N LEU A 107 0.28 -15.18 -11.28
CA LEU A 107 1.15 -14.02 -10.95
C LEU A 107 1.79 -14.26 -9.57
N ALA A 108 1.03 -14.77 -8.59
CA ALA A 108 1.54 -15.13 -7.25
C ALA A 108 2.66 -16.18 -7.39
N ARG A 109 2.44 -17.18 -8.26
CA ARG A 109 3.45 -18.25 -8.51
C ARG A 109 4.74 -17.63 -9.06
N ILE A 110 4.63 -16.70 -10.02
CA ILE A 110 5.81 -16.10 -10.69
C ILE A 110 6.59 -15.25 -9.68
N ALA A 111 5.89 -14.56 -8.78
CA ALA A 111 6.52 -13.81 -7.66
C ALA A 111 7.31 -14.78 -6.76
N ASP A 112 6.78 -15.99 -6.56
CA ASP A 112 7.42 -17.06 -5.74
C ASP A 112 8.63 -17.64 -6.50
N GLU A 113 8.45 -17.92 -7.79
CA GLU A 113 9.42 -18.69 -8.60
C GLU A 113 9.27 -18.27 -10.07
N PRO A 114 10.04 -17.26 -10.52
CA PRO A 114 9.90 -16.72 -11.87
C PRO A 114 10.21 -17.70 -13.00
N ARG A 115 10.83 -18.85 -12.69
CA ARG A 115 11.11 -19.91 -13.70
C ARG A 115 9.82 -20.63 -14.10
N SER A 116 8.76 -20.55 -13.27
CA SER A 116 7.42 -21.09 -13.59
C SER A 116 6.83 -20.32 -14.78
N ARG A 117 6.34 -21.04 -15.80
CA ARG A 117 5.72 -20.46 -17.01
C ARG A 117 4.39 -21.17 -17.29
N PHE A 118 3.48 -20.48 -17.99
CA PHE A 118 2.08 -20.91 -18.22
C PHE A 118 1.73 -20.82 -19.71
N GLY A 119 0.69 -21.55 -20.11
CA GLY A 119 0.21 -21.65 -21.50
C GLY A 119 -0.35 -20.33 -22.00
N PHE A 120 -0.88 -19.50 -21.10
CA PHE A 120 -1.27 -18.09 -21.41
C PHE A 120 -0.72 -17.18 -20.31
N GLU A 121 -0.12 -16.06 -20.72
CA GLU A 121 0.40 -15.01 -19.80
C GLU A 121 -0.05 -13.64 -20.31
N ILE A 122 -0.53 -12.79 -19.41
CA ILE A 122 -0.96 -11.41 -19.73
C ILE A 122 0.28 -10.58 -20.06
N PRO A 123 0.14 -9.43 -20.75
CA PRO A 123 1.27 -8.55 -20.99
C PRO A 123 1.99 -8.16 -19.69
N TYR A 124 3.30 -7.95 -19.77
CA TYR A 124 4.17 -7.42 -18.69
C TYR A 124 4.55 -8.54 -17.71
N THR A 125 4.28 -9.81 -18.04
CA THR A 125 4.65 -10.95 -17.18
C THR A 125 6.17 -11.13 -17.18
N ASP A 126 6.81 -10.89 -18.32
N ASP A 126 6.86 -10.88 -18.29
CA ASP A 126 8.30 -10.89 -18.49
CA ASP A 126 8.34 -10.99 -18.33
C ASP A 126 8.89 -9.86 -17.51
C ASP A 126 8.96 -9.83 -17.55
N ALA A 127 8.24 -8.70 -17.39
CA ALA A 127 8.64 -7.61 -16.47
C ALA A 127 8.50 -8.07 -15.02
N LEU A 128 7.43 -8.80 -14.69
CA LEU A 128 7.22 -9.36 -13.32
C LEU A 128 8.37 -10.34 -13.01
N ARG A 129 8.75 -11.21 -13.95
CA ARG A 129 9.89 -12.13 -13.77
C ARG A 129 11.16 -11.31 -13.50
N ASP A 130 11.39 -10.27 -14.30
CA ASP A 130 12.64 -9.47 -14.22
C ASP A 130 12.71 -8.77 -12.87
N LEU A 131 11.65 -8.07 -12.45
CA LEU A 131 11.67 -7.30 -11.18
C LEU A 131 11.76 -8.26 -10.00
N THR A 132 11.14 -9.45 -10.09
CA THR A 132 11.19 -10.46 -9.01
C THR A 132 12.66 -10.86 -8.78
N VAL A 133 13.39 -11.18 -9.84
CA VAL A 133 14.83 -11.57 -9.76
C VAL A 133 15.63 -10.37 -9.25
N ALA A 134 15.41 -9.17 -9.81
CA ALA A 134 16.15 -7.94 -9.45
C ALA A 134 16.02 -7.67 -7.95
N ILE A 135 14.80 -7.77 -7.41
CA ILE A 135 14.51 -7.48 -5.97
C ILE A 135 15.10 -8.59 -5.09
N THR A 136 14.85 -9.86 -5.43
CA THR A 136 15.02 -11.01 -4.49
C THR A 136 16.43 -11.62 -4.59
N ALA A 137 17.09 -11.60 -5.75
CA ALA A 137 18.39 -12.28 -5.96
C ALA A 137 19.41 -11.82 -4.92
N PRO A 138 19.59 -10.49 -4.68
CA PRO A 138 20.56 -10.02 -3.68
C PRO A 138 20.09 -10.09 -2.22
N ALA A 139 18.81 -10.42 -1.98
CA ALA A 139 18.18 -10.42 -0.65
C ALA A 139 18.67 -11.63 0.16
N THR A 140 18.41 -11.63 1.47
CA THR A 140 18.68 -12.77 2.37
C THR A 140 17.61 -13.84 2.15
N PRO A 141 17.87 -15.12 2.53
CA PRO A 141 16.84 -16.15 2.46
C PRO A 141 15.56 -15.74 3.20
N GLY A 142 15.69 -15.18 4.41
CA GLY A 142 14.54 -14.74 5.23
C GLY A 142 13.74 -13.65 4.54
N GLN A 143 14.43 -12.69 3.89
CA GLN A 143 13.78 -11.59 3.14
C GLN A 143 13.01 -12.16 1.95
N ARG A 144 13.56 -13.16 1.25
CA ARG A 144 12.90 -13.79 0.09
C ARG A 144 11.63 -14.51 0.56
N ILE A 145 11.70 -15.20 1.70
CA ILE A 145 10.53 -15.92 2.30
C ILE A 145 9.44 -14.88 2.58
N GLU A 146 9.80 -13.72 3.13
CA GLU A 146 8.86 -12.60 3.43
C GLU A 146 8.27 -12.07 2.12
N TRP A 147 9.11 -11.85 1.11
CA TRP A 147 8.66 -11.38 -0.23
C TRP A 147 7.57 -12.33 -0.74
N ARG A 148 7.81 -13.65 -0.69
CA ARG A 148 6.90 -14.68 -1.26
C ARG A 148 5.57 -14.65 -0.51
N SER A 149 5.58 -14.69 0.83
CA SER A 149 4.36 -14.77 1.66
C SER A 149 3.54 -13.48 1.51
N THR A 150 4.18 -12.32 1.52
CA THR A 150 3.47 -11.00 1.48
C THR A 150 2.92 -10.75 0.08
N ALA A 151 3.63 -11.17 -0.99
CA ALA A 151 3.13 -11.06 -2.37
C ALA A 151 1.85 -11.91 -2.50
N ARG A 152 1.89 -13.15 -2.01
CA ARG A 152 0.72 -14.07 -2.06
C ARG A 152 -0.45 -13.47 -1.29
N ALA A 153 -0.21 -12.89 -0.11
CA ALA A 153 -1.25 -12.25 0.73
C ALA A 153 -1.91 -11.11 -0.05
N TRP A 154 -1.12 -10.31 -0.76
CA TRP A 154 -1.63 -9.17 -1.57
C TRP A 154 -2.51 -9.69 -2.71
N PHE A 155 -2.03 -10.69 -3.47
CA PHE A 155 -2.79 -11.28 -4.60
C PHE A 155 -4.11 -11.88 -4.09
N PHE A 156 -4.09 -12.52 -2.91
CA PHE A 156 -5.30 -13.08 -2.26
C PHE A 156 -6.25 -11.93 -1.89
N GLY A 157 -5.70 -10.86 -1.31
CA GLY A 157 -6.44 -9.63 -0.97
C GLY A 157 -7.16 -9.06 -2.18
N MET A 158 -6.47 -8.94 -3.32
N MET A 158 -6.48 -8.98 -3.33
CA MET A 158 -7.03 -8.42 -4.59
CA MET A 158 -7.03 -8.38 -4.57
C MET A 158 -8.29 -9.22 -4.95
C MET A 158 -8.23 -9.19 -5.07
N SER A 159 -8.23 -10.55 -4.83
N SER A 159 -8.24 -10.51 -4.83
CA SER A 159 -9.33 -11.48 -5.16
CA SER A 159 -9.37 -11.42 -5.21
C SER A 159 -10.60 -11.09 -4.38
C SER A 159 -10.61 -11.05 -4.40
N TRP A 160 -10.43 -10.65 -3.13
CA TRP A 160 -11.54 -10.20 -2.24
C TRP A 160 -12.19 -8.93 -2.80
N ASP A 161 -11.39 -7.95 -3.23
CA ASP A 161 -11.90 -6.71 -3.87
C ASP A 161 -12.71 -7.08 -5.13
N VAL A 162 -12.20 -8.04 -5.92
CA VAL A 162 -12.86 -8.50 -7.18
C VAL A 162 -14.21 -9.14 -6.82
N ALA A 163 -14.27 -9.94 -5.75
CA ALA A 163 -15.51 -10.59 -5.25
C ALA A 163 -16.58 -9.53 -5.00
N TYR A 164 -16.25 -8.43 -4.31
CA TYR A 164 -17.22 -7.37 -3.95
C TYR A 164 -17.60 -6.56 -5.20
N ALA A 165 -16.65 -6.32 -6.12
CA ALA A 165 -16.89 -5.62 -7.40
C ALA A 165 -17.87 -6.44 -8.26
N GLU A 166 -17.69 -7.77 -8.31
CA GLU A 166 -18.57 -8.69 -9.08
C GLU A 166 -19.99 -8.61 -8.52
N ARG A 167 -20.14 -8.65 -7.20
CA ARG A 167 -21.44 -8.66 -6.48
C ARG A 167 -22.09 -7.28 -6.50
N GLY A 168 -21.32 -6.22 -6.80
CA GLY A 168 -21.77 -4.82 -6.72
C GLY A 168 -22.21 -4.48 -5.31
N GLU A 169 -21.52 -5.03 -4.32
CA GLU A 169 -21.85 -4.89 -2.87
C GLU A 169 -20.70 -4.18 -2.15
N ILE A 170 -21.00 -3.62 -0.99
CA ILE A 170 -20.05 -2.89 -0.11
C ILE A 170 -19.88 -3.70 1.17
N PRO A 171 -18.63 -4.04 1.58
CA PRO A 171 -18.41 -4.78 2.81
C PRO A 171 -18.74 -3.92 4.04
N SER A 172 -19.07 -4.59 5.15
CA SER A 172 -19.25 -3.95 6.48
C SER A 172 -17.93 -3.28 6.88
N LEU A 173 -17.99 -2.29 7.77
CA LEU A 173 -16.79 -1.55 8.24
C LEU A 173 -15.83 -2.52 8.94
N ASN A 174 -16.34 -3.44 9.77
CA ASN A 174 -15.50 -4.44 10.46
C ASN A 174 -14.76 -5.29 9.42
N ASP A 175 -15.46 -5.74 8.38
CA ASP A 175 -14.87 -6.62 7.33
C ASP A 175 -13.84 -5.83 6.51
N TYR A 176 -14.13 -4.55 6.21
N TYR A 176 -14.12 -4.56 6.23
CA TYR A 176 -13.21 -3.63 5.50
CA TYR A 176 -13.21 -3.65 5.50
C TYR A 176 -11.94 -3.42 6.33
C TYR A 176 -11.94 -3.42 6.33
N LEU A 177 -12.09 -3.17 7.63
CA LEU A 177 -10.93 -2.90 8.53
C LEU A 177 -10.07 -4.16 8.67
N MET A 178 -10.65 -5.35 8.54
CA MET A 178 -9.86 -6.61 8.55
C MET A 178 -9.06 -6.73 7.24
N MET A 179 -9.69 -6.45 6.09
CA MET A 179 -9.14 -6.86 4.77
C MET A 179 -8.34 -5.74 4.10
N ARG A 180 -8.55 -4.47 4.45
CA ARG A 180 -7.90 -3.35 3.71
C ARG A 180 -6.38 -3.54 3.70
N MET A 181 -5.80 -3.92 4.84
CA MET A 181 -4.33 -4.14 4.97
C MET A 181 -3.86 -5.17 3.93
N HIS A 182 -4.68 -6.19 3.64
CA HIS A 182 -4.40 -7.26 2.65
C HIS A 182 -4.60 -6.74 1.22
N THR A 183 -5.71 -6.04 0.94
CA THR A 183 -6.06 -5.59 -0.44
C THR A 183 -5.06 -4.52 -0.90
N GLY A 184 -4.45 -3.78 0.03
CA GLY A 184 -3.50 -2.69 -0.26
C GLY A 184 -2.05 -3.15 -0.25
N GLY A 185 -1.78 -4.38 0.19
CA GLY A 185 -0.44 -5.00 0.10
C GLY A 185 0.62 -4.27 0.91
N LEU A 186 0.26 -3.73 2.08
CA LEU A 186 1.21 -2.95 2.91
C LEU A 186 2.23 -3.90 3.58
N ALA A 187 1.91 -5.17 3.78
CA ALA A 187 2.88 -6.21 4.23
C ALA A 187 3.97 -6.37 3.17
N SER A 188 3.58 -6.44 1.89
CA SER A 188 4.50 -6.51 0.74
C SER A 188 5.36 -5.23 0.70
N TRP A 189 4.73 -4.06 0.86
CA TRP A 189 5.45 -2.77 0.95
C TRP A 189 6.56 -2.89 2.01
N ALA A 190 6.21 -3.30 3.23
CA ALA A 190 7.15 -3.42 4.37
C ALA A 190 8.27 -4.41 4.02
N ALA A 191 7.96 -5.54 3.38
CA ALA A 191 8.95 -6.55 2.95
C ALA A 191 9.94 -5.90 1.98
N THR A 192 9.47 -5.08 1.04
CA THR A 192 10.35 -4.40 0.04
C THR A 192 11.18 -3.32 0.73
N LEU A 193 10.68 -2.67 1.78
CA LEU A 193 11.49 -1.68 2.56
C LEU A 193 12.68 -2.42 3.19
N GLY A 194 12.41 -3.59 3.80
CA GLY A 194 13.45 -4.45 4.41
C GLY A 194 14.52 -4.81 3.39
N ILE A 195 14.12 -5.26 2.21
CA ILE A 195 15.05 -5.69 1.12
C ILE A 195 15.87 -4.49 0.66
N ALA A 196 15.23 -3.36 0.37
CA ALA A 196 15.90 -2.16 -0.21
C ALA A 196 16.84 -1.51 0.82
N ASP A 197 16.40 -1.39 2.07
CA ASP A 197 17.10 -0.63 3.13
C ASP A 197 18.08 -1.55 3.88
N GLY A 198 17.94 -2.87 3.75
CA GLY A 198 18.82 -3.85 4.39
C GLY A 198 18.46 -4.08 5.86
N PHE A 199 17.21 -4.42 6.14
CA PHE A 199 16.77 -4.86 7.49
C PHE A 199 15.83 -6.06 7.37
N GLU A 200 15.70 -6.79 8.46
CA GLU A 200 14.93 -8.07 8.52
C GLU A 200 14.60 -8.33 10.00
N LEU A 201 13.32 -8.32 10.36
CA LEU A 201 12.88 -8.60 11.76
C LEU A 201 13.33 -10.02 12.14
N SER A 202 13.71 -10.21 13.40
CA SER A 202 13.79 -11.54 14.05
C SER A 202 12.41 -12.18 13.99
N ALA A 203 12.34 -13.51 13.97
CA ALA A 203 11.09 -14.29 14.08
C ALA A 203 10.34 -13.84 15.34
N ARG A 204 11.06 -13.67 16.45
CA ARG A 204 10.47 -13.28 17.76
C ARG A 204 9.71 -11.95 17.60
N ASP A 205 10.33 -10.95 16.97
CA ASP A 205 9.71 -9.61 16.76
C ASP A 205 8.54 -9.73 15.78
N ALA A 206 8.75 -10.35 14.62
CA ALA A 206 7.75 -10.47 13.54
C ALA A 206 6.48 -11.14 14.09
N ASP A 207 6.64 -12.15 14.95
CA ASP A 207 5.52 -12.93 15.52
C ASP A 207 4.87 -12.19 16.70
N SER A 208 5.62 -11.36 17.43
CA SER A 208 5.16 -10.73 18.69
C SER A 208 3.86 -9.97 18.43
N PRO A 209 2.81 -10.15 19.26
CA PRO A 209 1.53 -9.50 19.03
C PRO A 209 1.62 -7.96 18.98
N ALA A 210 2.53 -7.35 19.75
CA ALA A 210 2.75 -5.88 19.77
C ALA A 210 3.22 -5.41 18.39
N VAL A 211 4.18 -6.13 17.78
CA VAL A 211 4.74 -5.76 16.45
C VAL A 211 3.69 -6.06 15.37
N ARG A 212 2.92 -7.14 15.50
CA ARG A 212 1.82 -7.45 14.54
C ARG A 212 0.80 -6.32 14.59
N ALA A 213 0.44 -5.82 15.78
CA ALA A 213 -0.48 -4.69 15.97
C ALA A 213 0.12 -3.41 15.37
N LEU A 214 1.42 -3.19 15.55
CA LEU A 214 2.15 -2.03 14.97
C LEU A 214 2.03 -2.06 13.46
N LEU A 215 2.33 -3.21 12.84
N LEU A 215 2.34 -3.20 12.84
CA LEU A 215 2.31 -3.42 11.37
CA LEU A 215 2.30 -3.41 11.36
C LEU A 215 0.87 -3.26 10.84
C LEU A 215 0.86 -3.23 10.86
N GLU A 216 -0.12 -3.86 11.52
CA GLU A 216 -1.53 -3.87 11.07
C GLU A 216 -2.14 -2.46 11.20
N SER A 217 -1.95 -1.79 12.34
CA SER A 217 -2.48 -0.42 12.59
C SER A 217 -1.88 0.54 11.54
N TRP A 218 -0.57 0.48 11.36
CA TRP A 218 0.17 1.27 10.33
C TRP A 218 -0.39 0.98 8.94
N SER A 219 -0.48 -0.31 8.55
CA SER A 219 -1.00 -0.75 7.24
C SER A 219 -2.39 -0.13 7.01
N THR A 220 -3.25 -0.20 8.02
CA THR A 220 -4.69 0.19 7.92
C THR A 220 -4.79 1.70 7.74
N PHE A 221 -4.18 2.50 8.62
CA PHE A 221 -4.34 3.99 8.59
C PHE A 221 -3.66 4.53 7.33
N ALA A 222 -2.53 3.95 6.91
CA ALA A 222 -1.81 4.34 5.67
C ALA A 222 -2.74 4.14 4.47
N LEU A 223 -3.49 3.04 4.42
CA LEU A 223 -4.38 2.72 3.28
C LEU A 223 -5.70 3.50 3.40
N ILE A 224 -6.09 3.92 4.61
CA ILE A 224 -7.23 4.86 4.80
C ILE A 224 -6.84 6.22 4.19
N ILE A 225 -5.59 6.66 4.39
CA ILE A 225 -5.06 7.90 3.72
C ILE A 225 -5.16 7.69 2.21
N ASN A 226 -4.77 6.53 1.72
CA ASN A 226 -4.84 6.20 0.28
C ASN A 226 -6.29 6.33 -0.21
N ASP A 227 -7.24 5.75 0.53
CA ASP A 227 -8.69 5.82 0.17
C ASP A 227 -9.13 7.29 0.08
N LEU A 228 -8.78 8.11 1.06
CA LEU A 228 -9.21 9.53 1.16
C LEU A 228 -8.65 10.32 -0.03
N MET A 229 -7.41 10.03 -0.43
CA MET A 229 -6.70 10.73 -1.54
C MET A 229 -7.27 10.28 -2.89
N SER A 230 -7.77 9.04 -2.99
CA SER A 230 -8.21 8.39 -4.25
C SER A 230 -9.71 8.57 -4.49
N TYR A 231 -10.49 9.05 -3.50
CA TYR A 231 -11.96 9.11 -3.55
C TYR A 231 -12.43 10.01 -4.69
N ALA A 232 -11.96 11.28 -4.72
CA ALA A 232 -12.36 12.32 -5.69
C ALA A 232 -12.19 11.79 -7.12
N LYS A 233 -11.07 11.13 -7.40
CA LYS A 233 -10.75 10.52 -8.71
C LYS A 233 -11.66 9.31 -8.97
N GLU A 234 -11.91 8.49 -7.94
CA GLU A 234 -12.76 7.26 -8.02
C GLU A 234 -14.19 7.65 -8.44
N ILE A 235 -14.71 8.77 -7.95
CA ILE A 235 -16.08 9.30 -8.28
C ILE A 235 -15.99 10.17 -9.55
N SER A 241 -16.69 1.62 -3.85
CA SER A 241 -17.37 0.33 -3.59
C SER A 241 -16.67 -0.29 -2.40
N SER A 242 -15.36 -0.08 -2.34
CA SER A 242 -14.64 -0.49 -1.13
C SER A 242 -13.76 0.62 -0.57
N ASN A 243 -14.12 1.87 -0.84
CA ASN A 243 -13.43 3.04 -0.26
C ASN A 243 -13.98 3.25 1.16
N ILE A 244 -13.15 3.64 2.11
CA ILE A 244 -13.53 3.90 3.54
C ILE A 244 -14.77 4.81 3.57
N ILE A 245 -14.86 5.79 2.67
CA ILE A 245 -15.99 6.77 2.62
C ILE A 245 -17.30 6.03 2.32
N THR A 246 -17.31 5.24 1.24
CA THR A 246 -18.49 4.46 0.76
C THR A 246 -18.88 3.43 1.83
N VAL A 247 -17.88 2.79 2.46
CA VAL A 247 -18.08 1.75 3.50
C VAL A 247 -18.74 2.38 4.74
N ILE A 248 -18.22 3.51 5.21
CA ILE A 248 -18.76 4.23 6.41
C ILE A 248 -20.17 4.76 6.08
N ALA A 249 -20.36 5.33 4.89
CA ALA A 249 -21.65 5.89 4.44
C ALA A 249 -22.75 4.82 4.52
N ARG A 250 -22.45 3.60 4.06
CA ARG A 250 -23.39 2.45 4.12
C ARG A 250 -23.57 2.00 5.57
N GLU A 251 -22.46 1.82 6.31
CA GLU A 251 -22.45 1.35 7.71
C GLU A 251 -23.36 2.23 8.58
N LEU A 252 -23.27 3.54 8.43
CA LEU A 252 -23.95 4.53 9.31
C LEU A 252 -25.21 5.09 8.65
N SER A 253 -25.56 4.61 7.45
CA SER A 253 -26.71 5.11 6.64
C SER A 253 -26.66 6.64 6.55
N CYS A 254 -25.49 7.17 6.20
CA CYS A 254 -25.23 8.64 6.09
C CYS A 254 -24.67 8.94 4.69
N SER A 255 -24.53 10.23 4.36
CA SER A 255 -23.99 10.70 3.06
C SER A 255 -22.48 10.53 3.05
N PRO A 256 -21.83 10.47 1.86
CA PRO A 256 -20.37 10.47 1.78
C PRO A 256 -19.69 11.63 2.54
N GLN A 257 -20.31 12.83 2.52
N GLN A 257 -20.31 12.82 2.52
CA GLN A 257 -19.75 14.02 3.22
CA GLN A 257 -19.76 14.03 3.20
C GLN A 257 -19.88 13.85 4.73
C GLN A 257 -19.89 13.85 4.72
N GLU A 258 -21.00 13.26 5.16
CA GLU A 258 -21.22 12.95 6.60
C GLU A 258 -20.23 11.88 7.08
N ALA A 259 -19.77 11.01 6.17
CA ALA A 259 -18.80 9.93 6.45
C ALA A 259 -17.41 10.50 6.75
N VAL A 260 -17.09 11.69 6.23
CA VAL A 260 -15.71 12.27 6.26
C VAL A 260 -15.22 12.39 7.71
N PRO A 261 -15.92 13.10 8.64
CA PRO A 261 -15.44 13.20 10.02
C PRO A 261 -15.26 11.83 10.70
N HIS A 262 -16.09 10.84 10.37
CA HIS A 262 -15.99 9.45 10.89
C HIS A 262 -14.71 8.79 10.36
N ALA A 263 -14.40 8.97 9.07
CA ALA A 263 -13.18 8.45 8.42
C ALA A 263 -11.93 9.01 9.12
N TYR A 264 -11.92 10.32 9.41
CA TYR A 264 -10.75 11.00 10.03
C TYR A 264 -10.65 10.59 11.51
N SER A 265 -11.77 10.37 12.19
CA SER A 265 -11.83 9.85 13.58
C SER A 265 -11.13 8.47 13.62
N ILE A 266 -11.52 7.57 12.72
CA ILE A 266 -10.94 6.19 12.62
C ILE A 266 -9.44 6.33 12.30
N LEU A 267 -9.10 7.15 11.30
CA LEU A 267 -7.71 7.41 10.87
C LEU A 267 -6.86 7.81 12.08
N ASP A 268 -7.31 8.78 12.87
CA ASP A 268 -6.52 9.39 13.98
C ASP A 268 -6.50 8.45 15.19
N ARG A 269 -7.55 7.64 15.41
CA ARG A 269 -7.57 6.65 16.52
C ARG A 269 -6.59 5.52 16.19
N ILE A 270 -6.53 5.08 14.92
CA ILE A 270 -5.61 3.98 14.50
C ILE A 270 -4.17 4.51 14.48
N SER A 271 -3.95 5.70 13.90
N SER A 271 -3.93 5.70 13.93
CA SER A 271 -2.66 6.42 13.89
CA SER A 271 -2.58 6.33 13.91
C SER A 271 -2.19 6.63 15.34
C SER A 271 -2.15 6.68 15.34
N GLY A 272 -3.11 7.05 16.20
CA GLY A 272 -2.87 7.28 17.64
C GLY A 272 -2.37 6.02 18.33
N LEU A 273 -3.01 4.88 18.05
CA LEU A 273 -2.62 3.55 18.59
C LEU A 273 -1.23 3.19 18.06
N PHE A 274 -0.98 3.37 16.75
CA PHE A 274 0.33 3.12 16.11
C PHE A 274 1.43 3.87 16.88
N LEU A 275 1.20 5.15 17.18
CA LEU A 275 2.18 6.02 17.88
C LEU A 275 2.43 5.50 19.30
N ARG A 276 1.39 5.01 19.99
CA ARG A 276 1.52 4.43 21.36
C ARG A 276 2.37 3.15 21.28
N LEU A 277 2.10 2.27 20.31
CA LEU A 277 2.87 1.01 20.13
C LEU A 277 4.33 1.34 19.76
N ARG A 278 4.52 2.32 18.86
CA ARG A 278 5.86 2.82 18.46
C ARG A 278 6.63 3.26 19.70
N ALA A 279 6.00 4.06 20.57
CA ALA A 279 6.61 4.59 21.82
C ALA A 279 6.97 3.43 22.75
N ASP A 280 6.12 2.41 22.83
CA ASP A 280 6.32 1.20 23.68
C ASP A 280 7.54 0.41 23.18
N LEU A 281 7.70 0.28 21.87
CA LEU A 281 8.61 -0.71 21.23
C LEU A 281 10.01 -0.11 20.96
N LEU A 282 10.11 1.20 20.73
CA LEU A 282 11.36 1.86 20.24
C LEU A 282 12.50 1.69 21.24
N PRO A 283 12.31 1.96 22.55
CA PRO A 283 13.42 1.88 23.51
C PRO A 283 14.18 0.54 23.48
N GLY A 284 13.47 -0.59 23.40
CA GLY A 284 14.05 -1.94 23.41
C GLY A 284 14.29 -2.51 22.02
N ALA A 285 13.92 -1.77 20.97
CA ALA A 285 13.98 -2.22 19.56
C ALA A 285 15.44 -2.44 19.15
N ASP A 286 15.74 -3.58 18.51
CA ASP A 286 17.07 -3.87 17.90
C ASP A 286 17.15 -3.10 16.58
N GLN A 287 18.31 -3.15 15.90
CA GLN A 287 18.60 -2.34 14.68
C GLN A 287 17.54 -2.61 13.61
N ASN A 288 17.02 -3.83 13.51
CA ASN A 288 16.07 -4.24 12.46
C ASN A 288 14.69 -3.61 12.73
N LEU A 289 14.18 -3.72 13.95
CA LEU A 289 12.86 -3.14 14.34
C LEU A 289 12.94 -1.61 14.27
N ARG A 290 14.06 -1.02 14.68
CA ARG A 290 14.30 0.45 14.57
C ARG A 290 14.18 0.87 13.09
N ALA A 291 14.79 0.10 12.19
CA ALA A 291 14.80 0.37 10.73
C ALA A 291 13.38 0.26 10.17
N LEU A 292 12.63 -0.76 10.58
CA LEU A 292 11.21 -0.93 10.14
C LEU A 292 10.40 0.28 10.59
N ILE A 293 10.52 0.68 11.86
CA ILE A 293 9.74 1.83 12.43
C ILE A 293 10.09 3.11 11.65
N ALA A 294 11.36 3.34 11.33
CA ALA A 294 11.81 4.47 10.49
C ALA A 294 11.11 4.39 9.13
N GLY A 295 11.11 3.22 8.50
CA GLY A 295 10.41 2.97 7.22
C GLY A 295 8.93 3.28 7.32
N MET A 296 8.29 2.91 8.43
CA MET A 296 6.85 3.17 8.69
C MET A 296 6.61 4.67 8.79
N GLU A 297 7.45 5.41 9.52
CA GLU A 297 7.37 6.88 9.66
C GLU A 297 7.48 7.53 8.27
N HIS A 298 8.51 7.14 7.50
CA HIS A 298 8.78 7.72 6.16
C HIS A 298 7.65 7.39 5.18
N THR A 299 7.02 6.21 5.31
CA THR A 299 5.89 5.77 4.46
C THR A 299 4.67 6.66 4.72
N TRP A 300 4.36 6.94 5.98
CA TRP A 300 3.25 7.84 6.40
C TRP A 300 3.41 9.18 5.67
N ARG A 301 4.57 9.82 5.79
CA ARG A 301 4.85 11.11 5.11
C ARG A 301 4.86 10.94 3.59
N ALA A 302 5.47 9.86 3.09
CA ALA A 302 5.59 9.58 1.63
C ALA A 302 4.20 9.59 0.98
N TYR A 303 3.23 8.89 1.57
CA TYR A 303 1.87 8.74 1.01
C TYR A 303 1.23 10.14 0.91
N LEU A 304 1.41 10.99 1.93
CA LEU A 304 0.82 12.36 1.98
C LEU A 304 1.55 13.27 1.00
N ASP A 305 2.88 13.25 0.98
CA ASP A 305 3.72 14.20 0.20
C ASP A 305 3.65 13.86 -1.30
N TRP A 306 3.54 12.58 -1.64
CA TRP A 306 3.50 12.10 -3.05
C TRP A 306 2.06 11.97 -3.55
N GLY A 307 1.13 11.57 -2.67
CA GLY A 307 -0.27 11.28 -3.02
C GLY A 307 -1.00 12.46 -3.66
N PHE A 308 -0.65 13.70 -3.25
CA PHE A 308 -1.33 14.94 -3.68
C PHE A 308 -0.56 15.64 -4.81
N THR A 309 0.61 15.11 -5.20
CA THR A 309 1.44 15.65 -6.31
C THR A 309 1.46 14.65 -7.48
N SER A 310 1.36 13.35 -7.21
CA SER A 310 1.31 12.26 -8.22
C SER A 310 0.03 12.36 -9.06
N ALA A 311 0.10 11.91 -10.32
CA ALA A 311 -1.05 11.84 -11.25
C ALA A 311 -1.87 10.57 -10.99
N ARG A 312 -1.42 9.70 -10.08
CA ARG A 312 -2.12 8.45 -9.70
C ARG A 312 -3.47 8.79 -9.06
N TYR A 313 -3.56 9.93 -8.34
CA TYR A 313 -4.81 10.41 -7.68
C TYR A 313 -5.07 11.90 -7.96
N THR A 314 -4.47 12.49 -9.00
CA THR A 314 -4.71 13.91 -9.41
C THR A 314 -4.72 14.02 -10.95
N PRO A 322 -7.13 19.79 -10.96
CA PRO A 322 -6.86 18.57 -10.21
C PRO A 322 -8.09 18.10 -9.41
N TYR A 323 -8.26 16.77 -9.28
CA TYR A 323 -9.42 16.11 -8.62
C TYR A 323 -9.50 16.55 -7.16
N GLN A 324 -8.38 16.46 -6.44
CA GLN A 324 -8.29 16.65 -4.97
C GLN A 324 -7.13 17.59 -4.64
N VAL A 325 -7.45 18.80 -4.17
CA VAL A 325 -6.48 19.79 -3.60
C VAL A 325 -6.03 19.26 -2.23
N PHE A 326 -4.76 19.45 -1.87
CA PHE A 326 -4.23 19.08 -0.53
C PHE A 326 -4.99 19.89 0.52
N PRO A 327 -5.75 19.24 1.43
CA PRO A 327 -6.58 19.97 2.40
C PRO A 327 -5.79 20.69 3.49
N GLY A 328 -4.47 20.47 3.55
CA GLY A 328 -3.54 21.16 4.47
C GLY A 328 -3.14 20.26 5.63
N TRP A 329 -2.37 20.81 6.57
CA TRP A 329 -1.85 20.12 7.78
C TRP A 329 -2.68 20.52 9.01
N ALA A 330 -3.02 19.54 9.85
CA ALA A 330 -3.75 19.73 11.12
C ALA A 330 -2.75 19.84 12.27
N GLU A 331 -2.96 20.80 13.18
CA GLU A 331 -2.08 21.06 14.35
C GLU A 331 -2.09 19.84 15.27
N GLN A 332 -3.23 19.17 15.40
CA GLN A 332 -3.46 18.02 16.32
C GLN A 332 -4.40 17.02 15.64
N PRO A 333 -4.47 15.75 16.11
CA PRO A 333 -5.41 14.77 15.58
C PRO A 333 -6.88 15.20 15.74
N HIS A 334 -7.75 14.71 14.85
CA HIS A 334 -9.20 15.02 14.79
C HIS A 334 -9.95 14.28 15.90
N ASP A 335 -9.38 13.17 16.40
CA ASP A 335 -9.93 12.36 17.52
C ASP A 335 -8.76 11.83 18.37
N THR A 336 -8.80 12.07 19.69
CA THR A 336 -7.68 11.83 20.64
C THR A 336 -8.03 10.72 21.64
N SER A 337 -9.19 10.07 21.49
CA SER A 337 -9.65 8.96 22.38
C SER A 337 -8.63 7.82 22.35
N PRO A 338 -8.21 7.29 23.54
CA PRO A 338 -7.34 6.12 23.58
C PRO A 338 -8.12 4.79 23.57
N ASP A 339 -9.45 4.86 23.60
CA ASP A 339 -10.36 3.69 23.72
C ASP A 339 -10.26 2.84 22.46
N PRO A 340 -10.35 1.49 22.55
CA PRO A 340 -10.35 0.64 21.37
C PRO A 340 -11.52 0.98 20.43
N LEU A 341 -11.30 0.91 19.12
CA LEU A 341 -12.38 1.00 18.11
C LEU A 341 -13.30 -0.20 18.31
N PRO A 342 -14.64 -0.02 18.17
CA PRO A 342 -15.60 -1.09 18.39
C PRO A 342 -15.78 -2.01 17.17
N TYR A 343 -14.66 -2.50 16.64
CA TYR A 343 -14.61 -3.40 15.45
C TYR A 343 -13.82 -4.64 15.84
N PRO A 344 -14.52 -5.75 16.15
CA PRO A 344 -13.89 -6.96 16.70
C PRO A 344 -12.82 -7.63 15.83
N ALA A 345 -12.71 -7.27 14.54
CA ALA A 345 -11.65 -7.78 13.64
C ALA A 345 -10.29 -7.22 14.08
N ILE A 346 -10.26 -6.02 14.66
CA ILE A 346 -8.99 -5.28 14.94
C ILE A 346 -8.92 -4.78 16.39
N ALA A 347 -9.96 -4.98 17.21
CA ALA A 347 -10.03 -4.46 18.60
C ALA A 347 -8.84 -4.97 19.42
N TRP A 348 -8.34 -6.18 19.14
CA TRP A 348 -7.25 -6.83 19.91
C TRP A 348 -5.98 -5.99 19.88
N TRP A 349 -5.76 -5.14 18.86
CA TRP A 349 -4.57 -4.25 18.77
C TRP A 349 -4.35 -3.54 20.11
N TRP A 350 -5.44 -3.02 20.69
CA TRP A 350 -5.41 -2.16 21.90
C TRP A 350 -5.00 -2.98 23.13
N GLU A 351 -5.08 -4.32 23.07
CA GLU A 351 -4.60 -5.23 24.15
C GLU A 351 -3.08 -5.18 24.26
N GLN A 352 -2.37 -4.73 23.21
CA GLN A 352 -0.88 -4.80 23.13
C GLN A 352 -0.22 -3.53 23.66
N VAL A 353 -0.98 -2.50 23.98
CA VAL A 353 -0.45 -1.26 24.62
C VAL A 353 0.05 -1.63 26.01
N ALA A 354 1.32 -1.33 26.33
CA ALA A 354 1.99 -1.69 27.59
C ALA A 354 1.44 -0.84 28.74
C1 GOL B . 0.58 -1.10 -2.99
O1 GOL B . 1.88 -1.36 -3.52
C2 GOL B . 0.19 0.35 -3.19
O2 GOL B . -1.23 0.46 -3.20
C3 GOL B . 0.77 1.27 -2.13
O3 GOL B . 0.19 2.56 -2.18
#